data_6QJO
#
_entry.id   6QJO
#
_cell.length_a   31.120
_cell.length_b   39.270
_cell.length_c   53.550
_cell.angle_alpha   90.04
_cell.angle_beta   93.03
_cell.angle_gamma   89.95
#
_symmetry.space_group_name_H-M   'P 1'
#
loop_
_entity.id
_entity.type
_entity.pdbx_description
1 polymer 'DNA (28-MER)'
2 non-polymer 'POTASSIUM ION'
3 water water
#
_entity_poly.entity_id   1
_entity_poly.type   'polydeoxyribonucleotide'
_entity_poly.pdbx_seq_one_letter_code
;(DG)(DG)(DT)(DT)(DG)(DG)(DT)(DG)(DT)(DG)(DG)(DT)(DT)(DG)(DG)(DT)(DG)(DT)(DG)(DG)
(DT)(DG)(DG)(DT)(DG)(DG)(DT)(DG)
;
_entity_poly.pdbx_strand_id   A,B,C,D
#